data_5K5L
#
_entry.id   5K5L
#
_cell.length_a   126.792
_cell.length_b   52.397
_cell.length_c   69.135
_cell.angle_alpha   90.00
_cell.angle_beta   90.00
_cell.angle_gamma   90.00
#
_symmetry.space_group_name_H-M   'P 21 21 2'
#
loop_
_entity.id
_entity.type
_entity.pdbx_description
1 polymer "DNA (5'-D(*GP*TP*TP*GP*CP*CP*GP*CP*GP*TP*G)-3')"
2 polymer "DNA (5'-D(P*AP*CP*GP*CP*GP*GP*CP*AP*AP*C)-3')"
3 polymer 'Transcriptional repressor CTCF'
4 non-polymer 'ZINC ION'
5 water water
#
loop_
_entity_poly.entity_id
_entity_poly.type
_entity_poly.pdbx_seq_one_letter_code
_entity_poly.pdbx_strand_id
1 'polydeoxyribonucleotide' (DG)(DT)(DT)(DG)(DC)(DC)(DG)(DC)(DG)(DT)(DG) A,C
2 'polydeoxyribonucleotide' (DC)(DA)(DC)(DG)(DC)(DG)(DG)(DC)(DA)(DA)(DC) B,D
3 'polypeptide(L)'
;GPLGSKPYECYICHARFTQSGTMKMHILQKHTENVAKFHCPHCDTVIARKSDLGVHLRKQHSYIEQGKKCRYCDAVFHER
YALIQHQKSHKNE
;
E,F,G
#
loop_
_chem_comp.id
_chem_comp.type
_chem_comp.name
_chem_comp.formula
DA DNA linking 2'-DEOXYADENOSINE-5'-MONOPHOSPHATE 'C10 H14 N5 O6 P'
DC DNA linking 2'-DEOXYCYTIDINE-5'-MONOPHOSPHATE 'C9 H14 N3 O7 P'
DG DNA linking 2'-DEOXYGUANOSINE-5'-MONOPHOSPHATE 'C10 H14 N5 O7 P'
DT DNA linking THYMIDINE-5'-MONOPHOSPHATE 'C10 H15 N2 O8 P'
ZN non-polymer 'ZINC ION' 'Zn 2'
#
# COMPACT_ATOMS: atom_id res chain seq x y z
N LYS E 37 -26.33 21.10 -7.98
CA LYS E 37 -25.78 20.65 -6.72
C LYS E 37 -26.89 20.28 -5.74
N PHE E 38 -26.89 19.02 -5.28
CA PHE E 38 -27.91 18.51 -4.37
C PHE E 38 -27.25 17.92 -3.14
N HIS E 39 -27.90 18.10 -2.00
CA HIS E 39 -27.35 17.72 -0.70
C HIS E 39 -28.00 16.42 -0.23
N CYS E 40 -27.18 15.46 0.19
CA CYS E 40 -27.70 14.20 0.69
C CYS E 40 -28.49 14.42 1.98
N PRO E 41 -29.62 13.74 2.15
CA PRO E 41 -30.42 13.92 3.38
C PRO E 41 -29.82 13.29 4.63
N HIS E 42 -28.63 12.67 4.54
CA HIS E 42 -28.05 11.97 5.67
C HIS E 42 -26.59 12.29 5.94
N CYS E 43 -25.92 13.08 5.11
CA CYS E 43 -24.53 13.41 5.33
C CYS E 43 -24.20 14.69 4.56
N ASP E 44 -23.03 15.24 4.84
CA ASP E 44 -22.59 16.50 4.24
C ASP E 44 -22.03 16.33 2.83
N THR E 45 -22.24 15.18 2.21
CA THR E 45 -21.86 15.01 0.81
C THR E 45 -22.82 15.80 -0.08
N VAL E 46 -22.26 16.40 -1.14
CA VAL E 46 -23.04 17.11 -2.14
C VAL E 46 -22.82 16.44 -3.48
N ILE E 47 -23.91 16.19 -4.21
CA ILE E 47 -23.87 15.50 -5.50
C ILE E 47 -24.49 16.40 -6.55
N ALA E 48 -23.95 16.36 -7.77
CA ALA E 48 -24.43 17.23 -8.84
C ALA E 48 -25.71 16.69 -9.47
N ARG E 49 -25.74 15.40 -9.79
CA ARG E 49 -26.81 14.80 -10.58
C ARG E 49 -27.74 13.95 -9.70
N LYS E 50 -29.02 13.95 -10.06
CA LYS E 50 -29.99 13.18 -9.29
C LYS E 50 -29.70 11.69 -9.36
N SER E 51 -29.30 11.20 -10.53
CA SER E 51 -29.03 9.77 -10.68
C SER E 51 -27.87 9.33 -9.80
N ASP E 52 -26.82 10.16 -9.71
CA ASP E 52 -25.68 9.82 -8.86
C ASP E 52 -26.06 9.87 -7.38
N LEU E 53 -27.02 10.73 -7.00
CA LEU E 53 -27.47 10.76 -5.61
C LEU E 53 -28.19 9.48 -5.25
N GLY E 54 -28.97 8.93 -6.17
CA GLY E 54 -29.62 7.65 -5.91
C GLY E 54 -28.62 6.55 -5.62
N VAL E 55 -27.59 6.44 -6.46
CA VAL E 55 -26.56 5.43 -6.24
C VAL E 55 -25.86 5.67 -4.91
N HIS E 56 -25.61 6.95 -4.57
CA HIS E 56 -25.00 7.26 -3.28
C HIS E 56 -25.89 6.83 -2.13
N LEU E 57 -27.20 7.11 -2.23
CA LEU E 57 -28.12 6.69 -1.18
C LEU E 57 -28.19 5.18 -1.07
N ARG E 58 -28.15 4.48 -2.22
CA ARG E 58 -28.18 3.03 -2.19
C ARG E 58 -26.92 2.46 -1.56
N LYS E 59 -25.75 2.87 -2.04
CA LYS E 59 -24.52 2.21 -1.61
C LYS E 59 -24.06 2.68 -0.23
N GLN E 60 -24.29 3.95 0.10
CA GLN E 60 -23.76 4.49 1.35
C GLN E 60 -24.74 4.36 2.52
N HIS E 61 -25.99 4.80 2.34
CA HIS E 61 -26.92 4.95 3.44
C HIS E 61 -27.95 3.83 3.52
N SER E 62 -27.70 2.68 2.89
CA SER E 62 -28.66 1.60 2.95
C SER E 62 -28.50 0.79 4.23
N TYR E 63 -29.55 0.04 4.57
CA TYR E 63 -29.57 -0.79 5.74
C TYR E 63 -29.07 -2.19 5.41
N ILE E 64 -28.34 -2.79 6.36
CA ILE E 64 -27.78 -4.13 6.19
C ILE E 64 -28.22 -4.96 7.39
N GLU E 65 -29.05 -5.97 7.14
CA GLU E 65 -29.64 -6.74 8.24
C GLU E 65 -28.57 -7.40 9.10
N GLN E 66 -27.51 -7.92 8.49
CA GLN E 66 -26.39 -8.47 9.21
C GLN E 66 -25.29 -7.42 9.31
N GLY E 67 -24.99 -6.98 10.53
CA GLY E 67 -24.07 -5.87 10.71
C GLY E 67 -22.63 -6.26 10.44
N LYS E 68 -21.84 -5.27 10.08
CA LYS E 68 -20.42 -5.44 9.83
C LYS E 68 -19.61 -4.88 10.99
N LYS E 69 -18.63 -5.64 11.46
CA LYS E 69 -17.82 -5.25 12.60
C LYS E 69 -16.69 -4.32 12.17
N CYS E 70 -16.35 -3.39 13.05
CA CYS E 70 -15.26 -2.47 12.77
C CYS E 70 -13.95 -3.23 12.61
N ARG E 71 -13.10 -2.74 11.70
CA ARG E 71 -11.82 -3.36 11.42
C ARG E 71 -10.85 -3.27 12.59
N TYR E 72 -11.12 -2.41 13.58
CA TYR E 72 -10.18 -2.15 14.66
C TYR E 72 -10.75 -2.31 16.06
N CYS E 73 -12.06 -2.27 16.24
CA CYS E 73 -12.68 -2.49 17.53
C CYS E 73 -13.93 -3.35 17.33
N ASP E 74 -14.67 -3.56 18.41
CA ASP E 74 -15.83 -4.46 18.41
C ASP E 74 -17.13 -3.74 18.06
N ALA E 75 -17.05 -2.58 17.41
CA ALA E 75 -18.26 -1.87 17.02
C ALA E 75 -18.90 -2.53 15.81
N VAL E 76 -20.23 -2.45 15.73
CA VAL E 76 -21.00 -3.12 14.69
C VAL E 76 -21.93 -2.10 14.06
N PHE E 77 -22.00 -2.10 12.72
CA PHE E 77 -22.75 -1.10 11.98
C PHE E 77 -23.64 -1.77 10.95
N HIS E 78 -24.84 -1.22 10.78
CA HIS E 78 -25.78 -1.68 9.76
C HIS E 78 -25.85 -0.75 8.56
N GLU E 79 -25.01 0.28 8.52
CA GLU E 79 -24.98 1.23 7.42
C GLU E 79 -23.53 1.47 7.02
N ARG E 80 -23.26 1.46 5.72
CA ARG E 80 -21.88 1.54 5.23
C ARG E 80 -21.24 2.87 5.62
N TYR E 81 -21.97 3.98 5.47
CA TYR E 81 -21.40 5.30 5.74
C TYR E 81 -20.94 5.40 7.19
N ALA E 82 -21.78 4.94 8.13
CA ALA E 82 -21.41 4.98 9.54
C ALA E 82 -20.15 4.17 9.81
N LEU E 83 -20.05 2.99 9.21
CA LEU E 83 -18.85 2.17 9.39
C LEU E 83 -17.61 2.88 8.88
N ILE E 84 -17.70 3.47 7.68
CA ILE E 84 -16.55 4.12 7.06
C ILE E 84 -16.09 5.29 7.92
N GLN E 85 -17.01 6.21 8.22
CA GLN E 85 -16.63 7.40 8.97
C GLN E 85 -16.14 7.05 10.37
N HIS E 86 -16.65 5.95 10.95
CA HIS E 86 -16.12 5.49 12.23
C HIS E 86 -14.71 4.95 12.09
N GLN E 87 -14.50 4.05 11.13
CA GLN E 87 -13.20 3.44 10.96
C GLN E 87 -12.12 4.48 10.65
N LYS E 88 -12.47 5.54 9.93
CA LYS E 88 -11.48 6.57 9.63
C LYS E 88 -11.07 7.32 10.89
N SER E 89 -11.94 7.39 11.89
CA SER E 89 -11.61 8.09 13.12
C SER E 89 -10.66 7.29 14.01
N HIS E 90 -10.23 6.10 13.59
CA HIS E 90 -9.23 5.36 14.34
C HIS E 90 -7.82 5.83 14.05
N LYS E 91 -7.65 6.80 13.16
CA LYS E 91 -6.36 7.45 12.95
C LYS E 91 -6.11 8.57 13.95
N ASN E 92 -7.00 8.75 14.92
CA ASN E 92 -6.86 9.78 15.94
C ASN E 92 -6.11 9.23 17.16
N LYS F 37 26.30 -15.46 5.16
CA LYS F 37 25.39 -15.87 4.09
C LYS F 37 25.05 -14.70 3.18
N PHE F 38 25.41 -14.82 1.90
CA PHE F 38 25.23 -13.75 0.93
C PHE F 38 24.25 -14.11 -0.17
N HIS F 39 24.47 -15.20 -0.89
CA HIS F 39 23.67 -15.54 -2.06
C HIS F 39 22.68 -16.65 -1.75
N CYS F 40 21.49 -16.62 -2.45
CA CYS F 40 20.50 -17.66 -2.28
C CYS F 40 20.64 -18.73 -3.36
N PRO F 41 20.54 -20.02 -2.99
CA PRO F 41 20.72 -21.08 -4.00
C PRO F 41 19.54 -21.27 -4.94
N HIS F 42 18.33 -20.86 -4.56
CA HIS F 42 17.15 -21.11 -5.37
C HIS F 42 16.75 -19.93 -6.24
N CYS F 43 17.27 -18.74 -5.99
CA CYS F 43 16.92 -17.55 -6.75
C CYS F 43 18.12 -16.63 -6.83
N ASP F 44 17.89 -15.39 -7.27
CA ASP F 44 18.97 -14.45 -7.54
C ASP F 44 19.13 -13.37 -6.48
N THR F 45 18.15 -13.19 -5.59
CA THR F 45 18.24 -12.12 -4.60
C THR F 45 19.41 -12.36 -3.65
N VAL F 46 20.02 -11.27 -3.21
CA VAL F 46 21.17 -11.30 -2.31
C VAL F 46 20.74 -10.79 -0.95
N ILE F 47 21.24 -11.43 0.10
CA ILE F 47 20.87 -11.13 1.48
C ILE F 47 22.13 -10.97 2.32
N ALA F 48 22.09 -10.07 3.29
CA ALA F 48 23.25 -9.76 4.13
C ALA F 48 23.27 -10.58 5.40
N ARG F 49 22.20 -10.56 6.19
CA ARG F 49 22.15 -11.30 7.44
C ARG F 49 22.06 -12.81 7.18
N LYS F 50 22.41 -13.59 8.21
CA LYS F 50 22.22 -15.03 8.14
C LYS F 50 20.78 -15.43 8.41
N SER F 51 20.17 -14.81 9.43
CA SER F 51 18.79 -15.15 9.77
C SER F 51 17.82 -14.74 8.69
N ASP F 52 18.08 -13.61 8.02
CA ASP F 52 17.19 -13.14 6.95
C ASP F 52 17.16 -14.10 5.77
N LEU F 53 18.16 -14.97 5.63
CA LEU F 53 18.07 -16.03 4.64
C LEU F 53 17.14 -17.14 5.10
N GLY F 54 17.11 -17.42 6.40
CA GLY F 54 16.19 -18.40 6.91
C GLY F 54 14.74 -18.05 6.63
N VAL F 55 14.35 -16.81 6.94
CA VAL F 55 12.97 -16.39 6.69
C VAL F 55 12.71 -16.31 5.19
N HIS F 56 13.74 -16.00 4.39
CA HIS F 56 13.56 -15.95 2.94
C HIS F 56 13.26 -17.33 2.39
N LEU F 57 14.13 -18.30 2.69
CA LEU F 57 13.93 -19.66 2.21
C LEU F 57 12.63 -20.25 2.75
N ARG F 58 12.32 -19.98 4.02
CA ARG F 58 11.12 -20.54 4.63
C ARG F 58 9.85 -19.91 4.09
N LYS F 59 9.92 -18.68 3.60
CA LYS F 59 8.74 -18.02 3.06
C LYS F 59 8.62 -18.16 1.55
N GLN F 60 9.74 -18.07 0.84
CA GLN F 60 9.74 -18.07 -0.62
C GLN F 60 9.94 -19.46 -1.23
N HIS F 61 10.78 -20.30 -0.62
CA HIS F 61 11.17 -21.56 -1.21
C HIS F 61 10.69 -22.78 -0.44
N SER F 62 9.81 -22.59 0.54
CA SER F 62 9.22 -23.73 1.22
C SER F 62 8.18 -24.39 0.32
N TYR F 63 7.97 -25.68 0.55
CA TYR F 63 7.03 -26.47 -0.25
C TYR F 63 5.65 -26.43 0.40
N ILE F 64 4.65 -25.98 -0.35
CA ILE F 64 3.27 -25.91 0.11
C ILE F 64 2.54 -27.16 -0.35
N GLU F 65 1.77 -27.78 0.56
CA GLU F 65 1.05 -28.99 0.22
C GLU F 65 -0.04 -28.72 -0.81
N GLN F 66 -0.97 -27.83 -0.48
CA GLN F 66 -2.04 -27.48 -1.41
C GLN F 66 -1.56 -26.42 -2.40
N GLY F 67 -1.73 -26.72 -3.69
CA GLY F 67 -1.27 -25.81 -4.72
C GLY F 67 -2.15 -24.57 -4.84
N LYS F 68 -1.55 -23.52 -5.38
CA LYS F 68 -2.23 -22.25 -5.60
C LYS F 68 -2.24 -21.96 -7.10
N LYS F 69 -3.40 -21.58 -7.62
CA LYS F 69 -3.55 -21.33 -9.04
C LYS F 69 -3.20 -19.89 -9.39
N CYS F 70 -2.60 -19.71 -10.55
CA CYS F 70 -2.33 -18.37 -11.05
C CYS F 70 -3.65 -17.63 -11.29
N ARG F 71 -3.67 -16.34 -10.95
CA ARG F 71 -4.90 -15.55 -11.05
C ARG F 71 -5.31 -15.27 -12.47
N TYR F 72 -4.48 -15.59 -13.47
CA TYR F 72 -4.79 -15.28 -14.86
C TYR F 72 -4.89 -16.51 -15.74
N CYS F 73 -3.90 -17.41 -15.69
CA CYS F 73 -3.91 -18.65 -16.45
C CYS F 73 -4.28 -19.82 -15.55
N ASP F 74 -4.14 -21.04 -16.07
CA ASP F 74 -4.51 -22.26 -15.37
C ASP F 74 -3.34 -22.92 -14.65
N ALA F 75 -2.19 -22.26 -14.55
CA ALA F 75 -1.04 -22.86 -13.91
C ALA F 75 -1.28 -23.01 -12.40
N VAL F 76 -0.58 -23.96 -11.80
CA VAL F 76 -0.67 -24.23 -10.36
C VAL F 76 0.73 -24.40 -9.81
N PHE F 77 0.98 -23.85 -8.63
CA PHE F 77 2.31 -23.82 -8.04
C PHE F 77 2.28 -24.31 -6.60
N HIS F 78 3.41 -24.84 -6.15
CA HIS F 78 3.58 -25.27 -4.76
C HIS F 78 4.66 -24.48 -4.03
N GLU F 79 5.35 -23.58 -4.72
CA GLU F 79 6.40 -22.74 -4.13
C GLU F 79 6.00 -21.29 -4.28
N ARG F 80 6.11 -20.52 -3.20
CA ARG F 80 5.67 -19.13 -3.23
C ARG F 80 6.46 -18.31 -4.23
N TYR F 81 7.78 -18.50 -4.28
CA TYR F 81 8.61 -17.70 -5.18
C TYR F 81 8.31 -18.00 -6.64
N ALA F 82 8.04 -19.27 -6.97
CA ALA F 82 7.71 -19.62 -8.36
C ALA F 82 6.39 -19.01 -8.78
N LEU F 83 5.42 -18.95 -7.86
CA LEU F 83 4.15 -18.32 -8.18
C LEU F 83 4.31 -16.82 -8.41
N ILE F 84 5.10 -16.16 -7.56
CA ILE F 84 5.24 -14.71 -7.65
C ILE F 84 5.94 -14.32 -8.95
N GLN F 85 7.04 -14.98 -9.28
CA GLN F 85 7.78 -14.63 -10.49
C GLN F 85 6.96 -14.93 -11.74
N HIS F 86 6.17 -16.00 -11.72
CA HIS F 86 5.30 -16.29 -12.85
C HIS F 86 4.16 -15.28 -12.92
N GLN F 87 3.45 -15.08 -11.80
CA GLN F 87 2.28 -14.21 -11.81
C GLN F 87 2.65 -12.79 -12.16
N LYS F 88 3.83 -12.33 -11.75
CA LYS F 88 4.30 -11.02 -12.17
C LYS F 88 4.57 -10.99 -13.67
N SER F 89 5.04 -12.09 -14.24
CA SER F 89 5.42 -12.11 -15.65
C SER F 89 4.23 -11.97 -16.58
N HIS F 90 3.00 -12.14 -16.09
CA HIS F 90 1.84 -11.98 -16.95
C HIS F 90 1.59 -10.52 -17.30
N LYS F 91 1.30 -9.70 -16.30
CA LYS F 91 0.95 -8.30 -16.53
C LYS F 91 2.16 -7.38 -16.51
N ASN F 92 3.36 -7.92 -16.37
CA ASN F 92 4.60 -7.14 -16.47
C ASN F 92 5.48 -7.60 -17.63
N GLU F 93 5.64 -8.91 -17.81
CA GLU F 93 6.45 -9.48 -18.89
C GLU F 93 7.88 -8.95 -18.88
N GLU G 9 -1.58 3.10 -26.01
CA GLU G 9 -1.11 1.75 -26.25
C GLU G 9 0.37 1.61 -25.91
N CYS G 10 0.80 2.28 -24.83
CA CYS G 10 2.20 2.28 -24.40
C CYS G 10 3.11 2.79 -25.51
N TYR G 11 2.98 4.10 -25.75
CA TYR G 11 3.75 4.84 -26.75
C TYR G 11 5.22 4.45 -26.77
N ILE G 12 5.76 4.02 -25.63
CA ILE G 12 7.16 3.61 -25.57
C ILE G 12 7.39 2.30 -26.31
N CYS G 13 6.71 1.24 -25.89
CA CYS G 13 6.82 -0.04 -26.59
C CYS G 13 6.00 -0.08 -27.86
N HIS G 14 4.87 0.62 -27.88
CA HIS G 14 3.77 0.38 -28.82
C HIS G 14 3.22 -1.04 -28.68
N ALA G 15 3.39 -1.62 -27.50
CA ALA G 15 2.77 -2.89 -27.16
C ALA G 15 1.34 -2.66 -26.69
N ARG G 16 0.44 -3.51 -27.13
CA ARG G 16 -0.99 -3.28 -26.96
C ARG G 16 -1.54 -4.01 -25.75
N PHE G 17 -2.63 -3.47 -25.20
CA PHE G 17 -3.32 -4.04 -24.05
C PHE G 17 -4.82 -3.93 -24.27
N THR G 18 -5.57 -4.80 -23.59
CA THR G 18 -7.03 -4.75 -23.70
C THR G 18 -7.62 -3.64 -22.85
N GLN G 19 -7.03 -3.36 -21.69
CA GLN G 19 -7.53 -2.33 -20.78
C GLN G 19 -6.44 -1.32 -20.49
N SER G 20 -6.86 -0.12 -20.09
CA SER G 20 -5.92 0.91 -19.70
C SER G 20 -5.36 0.69 -18.30
N GLY G 21 -6.06 -0.08 -17.46
CA GLY G 21 -5.62 -0.34 -16.10
C GLY G 21 -4.27 -1.02 -16.02
N THR G 22 -4.14 -2.17 -16.67
CA THR G 22 -2.87 -2.90 -16.65
C THR G 22 -1.80 -2.22 -17.49
N MET G 23 -2.19 -1.32 -18.41
CA MET G 23 -1.21 -0.56 -19.16
C MET G 23 -0.45 0.41 -18.28
N LYS G 24 -1.15 1.02 -17.32
CA LYS G 24 -0.49 1.94 -16.39
C LYS G 24 0.54 1.22 -15.53
N MET G 25 0.25 -0.02 -15.14
CA MET G 25 1.19 -0.77 -14.32
C MET G 25 2.37 -1.28 -15.13
N HIS G 26 2.15 -1.60 -16.41
CA HIS G 26 3.26 -1.93 -17.28
C HIS G 26 4.24 -0.76 -17.37
N ILE G 27 3.72 0.47 -17.40
CA ILE G 27 4.57 1.65 -17.50
C ILE G 27 5.27 1.92 -16.17
N LEU G 28 4.57 1.71 -15.06
CA LEU G 28 5.17 1.99 -13.75
C LEU G 28 6.34 1.05 -13.45
N GLN G 29 6.21 -0.23 -13.81
CA GLN G 29 7.26 -1.19 -13.48
C GLN G 29 8.36 -1.21 -14.54
N LYS G 30 7.99 -1.36 -15.80
CA LYS G 30 9.00 -1.49 -16.86
C LYS G 30 9.56 -0.14 -17.29
N HIS G 31 8.69 0.86 -17.47
CA HIS G 31 9.09 2.16 -17.99
C HIS G 31 9.21 3.21 -16.89
N THR G 32 9.71 2.82 -15.72
CA THR G 32 9.79 3.74 -14.59
C THR G 32 10.67 4.95 -14.85
N GLU G 33 11.45 4.95 -15.93
CA GLU G 33 12.29 6.10 -16.26
C GLU G 33 11.51 7.22 -16.93
N ASN G 34 10.22 7.04 -17.18
CA ASN G 34 9.40 8.04 -17.86
C ASN G 34 8.24 8.55 -17.02
N VAL G 35 8.11 8.11 -15.77
CA VAL G 35 7.01 8.53 -14.91
C VAL G 35 7.46 9.70 -14.06
N ALA G 36 6.68 10.78 -14.08
CA ALA G 36 6.95 11.91 -13.21
C ALA G 36 6.83 11.49 -11.76
N LYS G 37 7.93 11.53 -11.03
CA LYS G 37 7.93 11.18 -9.62
C LYS G 37 7.67 12.43 -8.78
N PHE G 38 7.67 12.26 -7.47
CA PHE G 38 7.33 13.33 -6.55
C PHE G 38 8.47 13.53 -5.56
N HIS G 39 8.97 14.76 -5.48
CA HIS G 39 10.03 15.10 -4.55
C HIS G 39 9.39 15.52 -3.23
N CYS G 40 9.80 14.89 -2.15
CA CYS G 40 9.30 15.28 -0.84
C CYS G 40 9.73 16.72 -0.54
N PRO G 41 8.87 17.52 0.08
CA PRO G 41 9.24 18.91 0.40
C PRO G 41 10.03 19.08 1.69
N HIS G 42 10.36 18.01 2.39
CA HIS G 42 11.09 18.12 3.65
C HIS G 42 12.41 17.35 3.67
N CYS G 43 12.69 16.51 2.67
CA CYS G 43 13.89 15.70 2.68
C CYS G 43 14.23 15.31 1.25
N ASP G 44 15.34 14.59 1.10
CA ASP G 44 15.87 14.22 -0.20
C ASP G 44 15.15 13.02 -0.82
N THR G 45 14.09 12.53 -0.20
CA THR G 45 13.40 11.34 -0.68
C THR G 45 12.56 11.66 -1.91
N VAL G 46 12.65 10.81 -2.93
CA VAL G 46 11.82 10.88 -4.11
C VAL G 46 10.95 9.63 -4.16
N ILE G 47 9.67 9.81 -4.47
CA ILE G 47 8.67 8.75 -4.38
C ILE G 47 7.88 8.71 -5.68
N ALA G 48 7.57 7.50 -6.15
CA ALA G 48 6.94 7.33 -7.46
C ALA G 48 5.47 7.73 -7.42
N ARG G 49 4.69 7.10 -6.55
CA ARG G 49 3.26 7.37 -6.47
C ARG G 49 2.98 8.52 -5.50
N LYS G 50 1.98 9.33 -5.83
CA LYS G 50 1.63 10.45 -4.96
C LYS G 50 0.98 9.97 -3.67
N SER G 51 0.24 8.86 -3.72
CA SER G 51 -0.35 8.32 -2.50
C SER G 51 0.72 7.89 -1.50
N ASP G 52 1.82 7.32 -2.00
CA ASP G 52 2.93 6.98 -1.13
C ASP G 52 3.59 8.22 -0.55
N LEU G 53 3.57 9.33 -1.29
CA LEU G 53 4.08 10.58 -0.74
C LEU G 53 3.23 11.05 0.42
N GLY G 54 1.91 10.89 0.32
CA GLY G 54 1.03 11.28 1.41
C GLY G 54 1.32 10.52 2.69
N VAL G 55 1.55 9.21 2.57
CA VAL G 55 1.91 8.42 3.76
C VAL G 55 3.26 8.86 4.30
N HIS G 56 4.23 9.06 3.41
CA HIS G 56 5.56 9.49 3.84
C HIS G 56 5.48 10.80 4.62
N LEU G 57 4.67 11.75 4.15
CA LEU G 57 4.50 13.00 4.88
C LEU G 57 3.81 12.77 6.22
N ARG G 58 2.72 12.01 6.21
CA ARG G 58 1.96 11.78 7.44
C ARG G 58 2.80 11.09 8.51
N LYS G 59 3.68 10.18 8.10
CA LYS G 59 4.42 9.37 9.08
C LYS G 59 5.75 10.00 9.47
N GLN G 60 6.44 10.65 8.54
CA GLN G 60 7.79 11.12 8.78
C GLN G 60 7.87 12.58 9.21
N HIS G 61 6.96 13.44 8.76
CA HIS G 61 7.08 14.87 8.98
C HIS G 61 5.87 15.45 9.72
N SER G 62 5.17 14.63 10.50
CA SER G 62 4.05 15.11 11.30
C SER G 62 4.56 15.60 12.64
N TYR G 63 4.11 16.78 13.05
CA TYR G 63 4.51 17.33 14.35
C TYR G 63 3.93 16.50 15.47
N ILE G 64 4.80 15.86 16.26
CA ILE G 64 4.36 15.09 17.42
C ILE G 64 4.05 16.05 18.55
N GLU G 65 2.80 16.00 19.05
CA GLU G 65 2.41 16.85 20.17
C GLU G 65 3.34 16.62 21.37
N GLN G 66 3.62 15.36 21.67
CA GLN G 66 4.54 14.99 22.74
C GLN G 66 5.97 15.12 22.22
N GLY G 67 6.93 14.58 22.98
CA GLY G 67 8.30 14.57 22.54
C GLY G 67 8.96 13.23 22.81
N LYS G 68 9.74 12.73 21.86
CA LYS G 68 10.40 11.43 21.96
C LYS G 68 11.90 11.64 22.02
N LYS G 69 12.51 11.18 23.11
CA LYS G 69 13.94 11.39 23.33
C LYS G 69 14.76 10.41 22.50
N CYS G 70 15.95 10.88 22.10
CA CYS G 70 16.94 9.99 21.50
C CYS G 70 17.29 8.88 22.49
N ARG G 71 17.33 7.65 22.00
CA ARG G 71 17.61 6.51 22.87
C ARG G 71 18.99 6.57 23.50
N TYR G 72 19.85 7.48 23.06
CA TYR G 72 21.23 7.57 23.52
C TYR G 72 21.52 8.82 24.33
N CYS G 73 21.17 10.00 23.81
CA CYS G 73 21.39 11.26 24.49
C CYS G 73 20.07 11.82 25.02
N ASP G 74 20.15 13.01 25.61
CA ASP G 74 19.00 13.65 26.25
C ASP G 74 18.32 14.67 25.34
N ALA G 75 18.37 14.45 24.02
CA ALA G 75 17.74 15.36 23.07
C ALA G 75 16.33 14.89 22.74
N VAL G 76 15.41 15.83 22.59
CA VAL G 76 14.01 15.56 22.32
C VAL G 76 13.66 16.07 20.94
N PHE G 77 12.80 15.33 20.23
CA PHE G 77 12.38 15.69 18.89
C PHE G 77 10.86 15.65 18.80
N HIS G 78 10.31 16.51 17.92
CA HIS G 78 8.88 16.55 17.67
C HIS G 78 8.54 16.13 16.25
N GLU G 79 9.46 15.46 15.58
CA GLU G 79 9.28 14.94 14.23
C GLU G 79 10.00 13.60 14.15
N ARG G 80 9.42 12.67 13.39
CA ARG G 80 10.03 11.34 13.30
C ARG G 80 11.31 11.36 12.47
N TYR G 81 11.27 12.01 11.30
CA TYR G 81 12.42 11.97 10.39
C TYR G 81 13.67 12.55 11.05
N ALA G 82 13.53 13.67 11.75
CA ALA G 82 14.68 14.28 12.41
C ALA G 82 15.24 13.37 13.50
N LEU G 83 14.36 12.63 14.19
CA LEU G 83 14.83 11.73 15.24
C LEU G 83 15.63 10.57 14.67
N ILE G 84 15.17 10.01 13.55
CA ILE G 84 15.84 8.85 12.97
C ILE G 84 17.21 9.23 12.44
N GLN G 85 17.30 10.37 11.74
CA GLN G 85 18.60 10.81 11.23
C GLN G 85 19.55 11.15 12.36
N HIS G 86 19.03 11.63 13.48
CA HIS G 86 19.89 11.94 14.63
C HIS G 86 20.48 10.66 15.22
N GLN G 87 19.66 9.62 15.38
CA GLN G 87 20.15 8.38 15.95
C GLN G 87 21.10 7.65 15.00
N LYS G 88 20.90 7.81 13.69
CA LYS G 88 21.85 7.25 12.74
C LYS G 88 23.23 7.88 12.90
N SER G 89 23.26 9.17 13.25
CA SER G 89 24.53 9.88 13.34
C SER G 89 25.40 9.37 14.47
N HIS G 90 24.81 8.79 15.51
CA HIS G 90 25.58 8.38 16.68
C HIS G 90 26.58 7.27 16.37
N LYS G 91 26.65 6.82 15.12
CA LYS G 91 27.63 5.82 14.70
C LYS G 91 28.91 6.44 14.16
N ASN G 92 28.92 7.73 13.84
CA ASN G 92 30.10 8.36 13.25
C ASN G 92 31.07 8.86 14.32
ZN ZN H . -25.06 10.47 1.77
ZN ZN I . -13.78 1.05 15.64
ZN ZN J . 15.70 -17.47 -2.73
ZN ZN K . 0.19 -17.57 -14.82
ZN ZN L . 10.32 13.46 3.55
ZN ZN M . 21.38 11.42 20.35
ZN ZN N . 5.95 -0.63 -22.79
#